data_5WM6
#
_entry.id   5WM6
#
_cell.length_a   121.733
_cell.length_b   121.733
_cell.length_c   87.914
_cell.angle_alpha   90.000
_cell.angle_beta   90.000
_cell.angle_gamma   120.000
#
_symmetry.space_group_name_H-M   'P 32 2 1'
#
loop_
_entity.id
_entity.type
_entity.pdbx_description
1 polymer 'Salicylate-AMP ligase'
2 non-polymer "5'-O-[(R)-(benzoyloxy)(hydroxy)phosphoryl]adenosine"
3 non-polymer 'ACETATE ION'
4 non-polymer 'MAGNESIUM ION'
5 water water
#
_entity_poly.entity_id   1
_entity_poly.type   'polypeptide(L)'
_entity_poly.pdbx_seq_one_letter_code
;MGSSHHHHHHSSGLVPRGSHMLDGWVPWPESFARRYRAAGYWEGRPLDRLLRERAAADPDRIALVDAAGDRWTYAELDRH
ADRQAAGLRRLGIGAGDRVVVQLPNTDAFVVLFFALLRAGAVPVLTLPAHRESEIVHVAETAGATAYVIPDVLDGFDHRA
LARAARKAVPSIEHVLVAGEAAEFTALADVDAAPVPLAEPDPGDVALLLLSGGTTGKPKLIPRTHDDYTYNVRASAEVCG
FDSDTVYLVVLPTAHNFALACPGLLGTLMVGGTVVLAPTPSPEDAFELIEREKVTATAVVPPVALLWLDAVEWEDADLSS
LRLLQVGGSKLGAEPAARVRPALGCTLQQVFGMAEGLLNYTRLDDPSDLVIQTQGRPLSPDDEIRVVDEDGRDVAPGETG
ELLTRGPYTLRGYYRAPEHNARTFSDDGFYRTGDLVRVLPSGHLVVEGRAKDQINRGGDKISAEELENHIMAHPGVHDAA
VVGMPDATMGERTCACLVPRAGRSAPAQRELAAFLTDRGVAAYKLPDRVEVMDAFPRTSVGKTDKKELGRRIAGQLRTED
GGVH
;
_entity_poly.pdbx_strand_id   A
#
# COMPACT_ATOMS: atom_id res chain seq x y z
N SER A 19 25.68 -13.27 -4.68
CA SER A 19 25.69 -11.82 -4.56
C SER A 19 24.36 -11.20 -4.98
N HIS A 20 23.77 -10.40 -4.10
CA HIS A 20 22.55 -9.66 -4.42
C HIS A 20 22.89 -8.19 -4.66
N MET A 21 22.16 -7.59 -5.60
CA MET A 21 22.40 -6.20 -6.01
C MET A 21 22.22 -5.21 -4.85
N LEU A 22 21.37 -5.54 -3.89
CA LEU A 22 21.07 -4.68 -2.75
C LEU A 22 21.40 -5.39 -1.45
N ASP A 23 21.95 -4.64 -0.51
CA ASP A 23 22.16 -5.13 0.85
C ASP A 23 21.04 -4.59 1.76
N GLY A 24 21.05 -5.05 3.00
CA GLY A 24 20.08 -4.58 3.97
C GLY A 24 18.75 -5.29 3.99
N TRP A 25 18.54 -6.31 3.16
CA TRP A 25 17.32 -7.11 3.25
C TRP A 25 17.67 -8.56 3.56
N VAL A 26 16.64 -9.35 3.81
CA VAL A 26 16.76 -10.70 4.35
C VAL A 26 16.16 -11.67 3.33
N PRO A 27 16.99 -12.35 2.53
CA PRO A 27 16.47 -13.28 1.54
C PRO A 27 15.90 -14.54 2.17
N TRP A 28 15.04 -15.21 1.40
CA TRP A 28 14.49 -16.48 1.84
C TRP A 28 15.60 -17.51 2.00
N PRO A 29 15.48 -18.46 2.93
CA PRO A 29 16.41 -19.58 2.96
C PRO A 29 16.34 -20.40 1.69
N GLU A 30 17.49 -20.93 1.29
CA GLU A 30 17.59 -21.64 0.02
C GLU A 30 16.59 -22.79 -0.08
N SER A 31 16.32 -23.48 1.04
CA SER A 31 15.34 -24.56 1.03
C SER A 31 13.97 -24.08 0.58
N PHE A 32 13.51 -22.94 1.08
CA PHE A 32 12.22 -22.39 0.66
C PHE A 32 12.29 -21.91 -0.80
N ALA A 33 13.39 -21.26 -1.17
CA ALA A 33 13.54 -20.79 -2.55
C ALA A 33 13.39 -21.91 -3.55
N ARG A 34 13.92 -23.10 -3.25
CA ARG A 34 13.87 -24.20 -4.19
C ARG A 34 12.45 -24.75 -4.32
N ARG A 35 11.75 -24.81 -3.19
CA ARG A 35 10.34 -25.21 -3.18
C ARG A 35 9.51 -24.29 -4.08
N TYR A 36 9.65 -22.98 -3.88
CA TYR A 36 8.84 -22.00 -4.60
C TYR A 36 9.16 -21.96 -6.07
N ARG A 37 10.42 -22.25 -6.45
CA ARG A 37 10.72 -22.38 -7.86
C ARG A 37 10.20 -23.68 -8.42
N ALA A 38 10.36 -24.78 -7.67
CA ALA A 38 9.83 -26.07 -8.11
C ALA A 38 8.31 -26.03 -8.27
N ALA A 39 7.62 -25.30 -7.39
CA ALA A 39 6.17 -25.19 -7.46
C ALA A 39 5.69 -24.26 -8.57
N GLY A 40 6.60 -23.59 -9.28
CA GLY A 40 6.18 -22.67 -10.31
C GLY A 40 5.80 -21.28 -9.84
N TYR A 41 5.93 -20.98 -8.56
CA TYR A 41 5.62 -19.64 -8.05
C TYR A 41 6.61 -18.61 -8.56
N TRP A 42 7.90 -18.86 -8.34
CA TRP A 42 8.98 -17.99 -8.76
C TRP A 42 9.40 -18.44 -10.15
N GLU A 43 8.96 -17.71 -11.16
CA GLU A 43 9.14 -18.11 -12.54
C GLU A 43 10.43 -17.55 -13.17
N GLY A 44 11.24 -16.81 -12.41
CA GLY A 44 12.50 -16.34 -12.91
C GLY A 44 12.45 -15.22 -13.91
N ARG A 45 11.46 -14.32 -13.80
CA ARG A 45 11.30 -13.25 -14.77
C ARG A 45 11.29 -11.90 -14.08
N PRO A 46 12.02 -10.90 -14.61
CA PRO A 46 11.92 -9.55 -14.07
C PRO A 46 10.49 -9.02 -14.10
N LEU A 47 10.22 -8.10 -13.18
CA LEU A 47 8.87 -7.56 -13.07
C LEU A 47 8.46 -6.82 -14.32
N ASP A 48 9.40 -6.14 -14.97
CA ASP A 48 9.06 -5.42 -16.18
C ASP A 48 8.68 -6.32 -17.34
N ARG A 49 8.92 -7.65 -17.24
CA ARG A 49 8.65 -8.54 -18.37
C ARG A 49 7.16 -8.78 -18.58
N LEU A 50 6.32 -8.60 -17.57
CA LEU A 50 4.88 -8.75 -17.78
C LEU A 50 4.34 -7.75 -18.78
N LEU A 51 4.95 -6.58 -18.88
CA LEU A 51 4.55 -5.64 -19.92
C LEU A 51 5.22 -5.97 -21.25
N ARG A 52 6.53 -6.19 -21.23
CA ARG A 52 7.24 -6.63 -22.43
C ARG A 52 6.54 -7.80 -23.11
N GLU A 53 6.14 -8.82 -22.32
CA GLU A 53 5.53 -10.00 -22.92
C GLU A 53 4.12 -9.74 -23.42
N ARG A 54 3.28 -9.04 -22.64
CA ARG A 54 1.94 -8.71 -23.12
C ARG A 54 1.99 -7.81 -24.36
N ALA A 55 2.94 -6.88 -24.40
CA ALA A 55 3.05 -5.99 -25.55
C ALA A 55 3.57 -6.70 -26.80
N ALA A 56 4.28 -7.81 -26.66
CA ALA A 56 4.67 -8.59 -27.82
C ALA A 56 3.53 -9.42 -28.37
N ALA A 57 2.59 -9.82 -27.52
CA ALA A 57 1.47 -10.64 -27.97
C ALA A 57 0.26 -9.82 -28.35
N ASP A 58 0.01 -8.73 -27.64
CA ASP A 58 -1.15 -7.87 -27.89
C ASP A 58 -0.72 -6.40 -27.99
N PRO A 59 0.17 -6.08 -28.94
CA PRO A 59 0.71 -4.72 -28.99
C PRO A 59 -0.34 -3.64 -29.18
N ASP A 60 -1.43 -3.93 -29.87
CA ASP A 60 -2.39 -2.92 -30.27
C ASP A 60 -3.59 -2.82 -29.34
N ARG A 61 -3.68 -3.69 -28.33
CA ARG A 61 -4.71 -3.58 -27.32
C ARG A 61 -4.51 -2.33 -26.48
N ILE A 62 -5.61 -1.71 -26.06
CA ILE A 62 -5.58 -0.50 -25.23
C ILE A 62 -5.14 -0.88 -23.83
N ALA A 63 -3.94 -0.46 -23.43
CA ALA A 63 -3.40 -0.81 -22.13
C ALA A 63 -3.86 0.13 -21.03
N LEU A 64 -3.94 1.42 -21.32
CA LEU A 64 -4.09 2.41 -20.27
C LEU A 64 -4.93 3.57 -20.78
N VAL A 65 -5.88 4.00 -19.94
CA VAL A 65 -6.71 5.18 -20.15
C VAL A 65 -6.60 6.06 -18.92
N ASP A 66 -6.45 7.37 -19.13
CA ASP A 66 -6.44 8.29 -18.01
C ASP A 66 -7.80 8.99 -17.89
N ALA A 67 -7.92 9.84 -16.86
CA ALA A 67 -9.21 10.45 -16.54
C ALA A 67 -9.70 11.39 -17.64
N ALA A 68 -8.80 11.94 -18.45
CA ALA A 68 -9.19 12.85 -19.53
C ALA A 68 -9.73 12.13 -20.76
N GLY A 69 -9.53 10.82 -20.85
CA GLY A 69 -9.88 10.07 -22.04
C GLY A 69 -8.72 9.72 -22.95
N ASP A 70 -7.49 10.09 -22.59
CA ASP A 70 -6.32 9.74 -23.38
C ASP A 70 -5.92 8.31 -23.12
N ARG A 71 -5.56 7.59 -24.18
CA ARG A 71 -5.33 6.15 -24.04
C ARG A 71 -4.13 5.72 -24.86
N TRP A 72 -3.49 4.65 -24.40
CA TRP A 72 -2.24 4.15 -24.96
C TRP A 72 -2.31 2.64 -25.12
N THR A 73 -1.71 2.15 -26.20
CA THR A 73 -1.67 0.72 -26.41
C THR A 73 -0.58 0.10 -25.55
N TYR A 74 -0.54 -1.23 -25.58
CA TYR A 74 0.55 -1.96 -24.95
C TYR A 74 1.88 -1.63 -25.62
N ALA A 75 1.91 -1.55 -26.95
CA ALA A 75 3.17 -1.24 -27.64
C ALA A 75 3.61 0.19 -27.40
N GLU A 76 2.66 1.10 -27.16
CA GLU A 76 3.07 2.47 -26.85
C GLU A 76 3.61 2.59 -25.43
N LEU A 77 2.97 1.93 -24.47
CA LEU A 77 3.49 1.88 -23.11
C LEU A 77 4.89 1.26 -23.04
N ASP A 78 5.07 0.15 -23.76
CA ASP A 78 6.35 -0.55 -23.73
C ASP A 78 7.45 0.32 -24.31
N ARG A 79 7.17 0.98 -25.44
CA ARG A 79 8.14 1.88 -26.07
C ARG A 79 8.50 3.05 -25.15
N HIS A 80 7.49 3.76 -24.65
CA HIS A 80 7.72 4.91 -23.80
C HIS A 80 8.55 4.54 -22.58
N ALA A 81 8.24 3.39 -21.95
CA ALA A 81 9.06 2.90 -20.85
C ALA A 81 10.51 2.65 -21.29
N ASP A 82 10.73 2.20 -22.53
CA ASP A 82 12.09 2.02 -23.02
C ASP A 82 12.79 3.35 -23.23
N ARG A 83 12.05 4.37 -23.68
CA ARG A 83 12.64 5.69 -23.88
C ARG A 83 12.96 6.36 -22.56
N GLN A 84 12.08 6.20 -21.56
CA GLN A 84 12.36 6.82 -20.28
C GLN A 84 13.40 6.07 -19.49
N ALA A 85 13.52 4.76 -19.67
CA ALA A 85 14.64 4.04 -19.08
C ALA A 85 15.97 4.55 -19.63
N ALA A 86 16.01 4.86 -20.93
CA ALA A 86 17.23 5.40 -21.52
C ALA A 86 17.52 6.80 -21.00
N GLY A 87 16.50 7.65 -20.88
CA GLY A 87 16.71 8.96 -20.31
C GLY A 87 17.17 8.93 -18.87
N LEU A 88 16.65 7.97 -18.10
CA LEU A 88 17.09 7.83 -16.71
C LEU A 88 18.57 7.49 -16.64
N ARG A 89 19.06 6.68 -17.59
CA ARG A 89 20.45 6.30 -17.58
C ARG A 89 21.36 7.46 -17.99
N ARG A 90 20.89 8.32 -18.91
CA ARG A 90 21.64 9.53 -19.23
C ARG A 90 21.78 10.45 -18.03
N LEU A 91 20.90 10.34 -17.04
CA LEU A 91 20.98 11.12 -15.82
C LEU A 91 21.76 10.41 -14.73
N GLY A 92 22.26 9.21 -14.98
CA GLY A 92 22.97 8.47 -13.96
C GLY A 92 22.11 7.68 -13.00
N ILE A 93 20.82 7.50 -13.29
CA ILE A 93 19.93 6.70 -12.46
C ILE A 93 19.87 5.31 -13.07
N GLY A 94 20.52 4.35 -12.43
CA GLY A 94 20.70 3.02 -13.01
C GLY A 94 20.72 1.94 -11.98
N ALA A 95 21.42 0.85 -12.31
CA ALA A 95 21.40 -0.41 -11.56
C ALA A 95 21.59 -0.26 -10.05
N GLY A 96 20.49 -0.46 -9.31
CA GLY A 96 20.53 -0.55 -7.87
C GLY A 96 20.20 0.71 -7.12
N ASP A 97 20.13 1.86 -7.81
CA ASP A 97 19.78 3.11 -7.15
C ASP A 97 18.33 3.09 -6.74
N ARG A 98 18.06 3.67 -5.58
CA ARG A 98 16.70 3.77 -5.08
C ARG A 98 16.13 5.14 -5.43
N VAL A 99 14.91 5.14 -5.96
CA VAL A 99 14.20 6.35 -6.37
C VAL A 99 12.88 6.39 -5.64
N VAL A 100 12.69 7.44 -4.84
CA VAL A 100 11.40 7.69 -4.20
C VAL A 100 10.43 8.23 -5.25
N VAL A 101 9.29 7.57 -5.40
CA VAL A 101 8.27 7.93 -6.36
C VAL A 101 7.04 8.39 -5.58
N GLN A 102 6.57 9.60 -5.84
CA GLN A 102 5.36 10.15 -5.21
C GLN A 102 4.53 10.81 -6.30
N LEU A 103 3.63 10.04 -6.91
CA LEU A 103 2.85 10.52 -8.03
C LEU A 103 1.36 10.24 -7.85
N PRO A 104 0.50 11.06 -8.45
CA PRO A 104 -0.93 10.75 -8.45
C PRO A 104 -1.29 9.70 -9.49
N ASN A 105 -2.59 9.46 -9.66
CA ASN A 105 -3.05 8.42 -10.57
C ASN A 105 -3.02 8.97 -11.99
N THR A 106 -1.82 8.94 -12.58
CA THR A 106 -1.58 9.44 -13.93
C THR A 106 -0.79 8.41 -14.72
N ASP A 107 -0.88 8.54 -16.05
CA ASP A 107 -0.08 7.73 -16.94
C ASP A 107 1.41 7.93 -16.71
N ALA A 108 1.81 9.08 -16.15
CA ALA A 108 3.23 9.32 -15.89
C ALA A 108 3.77 8.30 -14.90
N PHE A 109 2.98 7.95 -13.89
CA PHE A 109 3.41 6.94 -12.93
C PHE A 109 3.64 5.60 -13.60
N VAL A 110 2.71 5.19 -14.48
CA VAL A 110 2.77 3.87 -15.08
C VAL A 110 4.02 3.72 -15.95
N VAL A 111 4.32 4.74 -16.76
CA VAL A 111 5.50 4.71 -17.60
C VAL A 111 6.77 4.75 -16.76
N LEU A 112 6.80 5.60 -15.74
CA LEU A 112 8.00 5.70 -14.91
C LEU A 112 8.24 4.42 -14.12
N PHE A 113 7.17 3.73 -13.69
CA PHE A 113 7.34 2.48 -12.96
C PHE A 113 8.13 1.47 -13.78
N PHE A 114 7.77 1.29 -15.05
CA PHE A 114 8.45 0.30 -15.85
C PHE A 114 9.79 0.80 -16.37
N ALA A 115 9.95 2.13 -16.54
CA ALA A 115 11.24 2.68 -16.94
C ALA A 115 12.27 2.60 -15.83
N LEU A 116 11.84 2.79 -14.59
CA LEU A 116 12.75 2.60 -13.46
C LEU A 116 13.18 1.13 -13.35
N LEU A 117 12.24 0.21 -13.55
CA LEU A 117 12.58 -1.20 -13.50
C LEU A 117 13.54 -1.59 -14.62
N ARG A 118 13.28 -1.11 -15.84
CA ARG A 118 14.13 -1.46 -16.96
C ARG A 118 15.49 -0.78 -16.89
N ALA A 119 15.58 0.35 -16.18
CA ALA A 119 16.88 0.96 -15.95
C ALA A 119 17.68 0.26 -14.87
N GLY A 120 17.08 -0.68 -14.13
CA GLY A 120 17.74 -1.30 -13.00
C GLY A 120 17.52 -0.59 -11.69
N ALA A 121 16.81 0.52 -11.68
CA ALA A 121 16.56 1.27 -10.45
C ALA A 121 15.46 0.59 -9.64
N VAL A 122 15.43 0.91 -8.35
CA VAL A 122 14.50 0.28 -7.43
C VAL A 122 13.49 1.35 -7.02
N PRO A 123 12.23 1.27 -7.48
CA PRO A 123 11.22 2.24 -7.03
C PRO A 123 10.94 2.09 -5.55
N VAL A 124 10.95 3.22 -4.84
CA VAL A 124 10.50 3.33 -3.46
C VAL A 124 9.19 4.10 -3.49
N LEU A 125 8.07 3.40 -3.34
CA LEU A 125 6.76 3.94 -3.65
C LEU A 125 6.15 4.61 -2.43
N THR A 126 5.90 5.92 -2.53
CA THR A 126 5.19 6.67 -1.50
C THR A 126 3.86 7.18 -2.06
N LEU A 127 3.02 7.68 -1.16
CA LEU A 127 1.69 8.18 -1.46
C LEU A 127 1.72 9.70 -1.58
N PRO A 128 0.80 10.25 -2.38
CA PRO A 128 0.66 11.71 -2.45
C PRO A 128 0.43 12.40 -1.11
N ALA A 129 -0.16 11.72 -0.12
CA ALA A 129 -0.41 12.33 1.17
C ALA A 129 0.83 12.46 2.04
N HIS A 130 1.89 11.71 1.74
CA HIS A 130 3.06 11.75 2.62
C HIS A 130 3.76 13.10 2.52
N ARG A 131 4.32 13.53 3.64
CA ARG A 131 4.99 14.82 3.67
C ARG A 131 6.45 14.69 4.10
N GLU A 132 7.02 15.77 4.64
CA GLU A 132 8.47 15.79 4.83
C GLU A 132 8.94 14.73 5.81
N SER A 133 8.23 14.54 6.91
CA SER A 133 8.61 13.51 7.87
C SER A 133 8.75 12.16 7.18
N GLU A 134 7.69 11.71 6.51
CA GLU A 134 7.74 10.39 5.88
C GLU A 134 8.73 10.36 4.73
N ILE A 135 8.75 11.41 3.91
CA ILE A 135 9.61 11.39 2.71
C ILE A 135 11.08 11.45 3.09
N VAL A 136 11.43 12.28 4.09
CA VAL A 136 12.84 12.38 4.49
C VAL A 136 13.33 11.05 5.07
N HIS A 137 12.55 10.46 5.98
CA HIS A 137 12.95 9.17 6.56
C HIS A 137 13.06 8.09 5.49
N VAL A 138 12.07 8.01 4.61
CA VAL A 138 12.11 6.99 3.56
C VAL A 138 13.28 7.21 2.61
N ALA A 139 13.57 8.47 2.29
CA ALA A 139 14.69 8.78 1.40
C ALA A 139 16.01 8.49 2.08
N GLU A 140 16.10 8.81 3.37
CA GLU A 140 17.30 8.55 4.16
C GLU A 140 17.56 7.06 4.32
N THR A 141 16.53 6.30 4.71
CA THR A 141 16.69 4.86 4.90
C THR A 141 17.16 4.18 3.62
N ALA A 142 16.48 4.45 2.51
CA ALA A 142 16.85 3.87 1.22
C ALA A 142 18.09 4.50 0.61
N GLY A 143 18.61 5.59 1.17
CA GLY A 143 19.71 6.27 0.53
C GLY A 143 19.36 6.63 -0.89
N ALA A 144 18.15 7.17 -1.06
CA ALA A 144 17.63 7.45 -2.39
C ALA A 144 18.50 8.47 -3.11
N THR A 145 18.67 8.27 -4.41
CA THR A 145 19.47 9.16 -5.24
C THR A 145 18.61 10.05 -6.12
N ALA A 146 17.31 9.84 -6.15
CA ALA A 146 16.41 10.65 -6.94
C ALA A 146 15.06 10.66 -6.26
N TYR A 147 14.27 11.68 -6.59
CA TYR A 147 12.93 11.87 -6.04
C TYR A 147 12.04 12.31 -7.19
N VAL A 148 10.88 11.67 -7.33
CA VAL A 148 9.94 11.94 -8.42
C VAL A 148 8.63 12.45 -7.83
N ILE A 149 8.22 13.65 -8.24
CA ILE A 149 7.09 14.36 -7.64
C ILE A 149 6.20 14.94 -8.72
N PRO A 150 4.97 15.36 -8.41
CA PRO A 150 4.26 16.33 -9.24
C PRO A 150 4.72 17.73 -8.87
N ASP A 151 4.18 18.73 -9.59
CA ASP A 151 4.38 20.10 -9.12
C ASP A 151 3.39 20.42 -8.01
N VAL A 152 2.13 20.64 -8.35
CA VAL A 152 1.09 20.95 -7.38
C VAL A 152 0.01 19.88 -7.48
N LEU A 153 -0.42 19.37 -6.33
CA LEU A 153 -1.42 18.30 -6.27
C LEU A 153 -2.27 18.49 -5.03
N ASP A 154 -3.60 18.56 -5.22
CA ASP A 154 -4.53 18.77 -4.12
C ASP A 154 -4.19 20.02 -3.32
N GLY A 155 -3.61 21.02 -3.99
CA GLY A 155 -3.30 22.29 -3.36
C GLY A 155 -1.95 22.38 -2.69
N PHE A 156 -1.17 21.30 -2.68
CA PHE A 156 0.16 21.28 -2.08
C PHE A 156 1.21 21.29 -3.18
N ASP A 157 2.21 22.15 -3.02
CA ASP A 157 3.32 22.25 -3.95
C ASP A 157 4.37 21.24 -3.50
N HIS A 158 4.48 20.11 -4.20
CA HIS A 158 5.43 19.07 -3.83
C HIS A 158 6.88 19.47 -4.08
N ARG A 159 7.15 20.49 -4.92
CA ARG A 159 8.52 20.91 -5.14
C ARG A 159 9.11 21.58 -3.91
N ALA A 160 8.31 22.33 -3.13
CA ALA A 160 8.82 22.77 -1.84
C ALA A 160 9.26 21.60 -1.00
N LEU A 161 8.44 20.55 -0.94
CA LEU A 161 8.81 19.33 -0.22
C LEU A 161 10.11 18.73 -0.75
N ALA A 162 10.27 18.73 -2.08
CA ALA A 162 11.48 18.17 -2.68
C ALA A 162 12.71 18.99 -2.34
N ARG A 163 12.57 20.31 -2.19
CA ARG A 163 13.69 21.13 -1.75
C ARG A 163 14.06 20.85 -0.30
N ALA A 164 13.06 20.68 0.57
CA ALA A 164 13.34 20.33 1.96
C ALA A 164 13.95 18.94 2.04
N ALA A 165 13.50 18.01 1.21
CA ALA A 165 14.03 16.67 1.22
C ALA A 165 15.49 16.64 0.80
N ARG A 166 15.88 17.49 -0.15
CA ARG A 166 17.26 17.51 -0.62
C ARG A 166 18.20 18.14 0.39
N LYS A 167 17.71 19.06 1.21
CA LYS A 167 18.60 19.63 2.22
C LYS A 167 18.86 18.62 3.34
N ALA A 168 17.88 17.80 3.69
CA ALA A 168 18.04 16.80 4.73
C ALA A 168 18.69 15.51 4.22
N VAL A 169 18.55 15.21 2.93
CA VAL A 169 19.08 13.98 2.37
C VAL A 169 20.01 14.32 1.21
N PRO A 170 21.31 14.41 1.45
CA PRO A 170 22.23 14.82 0.37
C PRO A 170 22.35 13.81 -0.75
N SER A 171 22.01 12.54 -0.50
CA SER A 171 22.13 11.54 -1.56
C SER A 171 21.24 11.85 -2.76
N ILE A 172 20.15 12.59 -2.57
CA ILE A 172 19.24 12.96 -3.66
C ILE A 172 19.94 13.88 -4.65
N GLU A 173 20.37 13.33 -5.78
CA GLU A 173 20.99 14.13 -6.82
C GLU A 173 19.99 14.72 -7.79
N HIS A 174 18.95 13.98 -8.17
CA HIS A 174 18.00 14.46 -9.16
C HIS A 174 16.59 14.50 -8.60
N VAL A 175 15.82 15.46 -9.09
CA VAL A 175 14.40 15.59 -8.76
C VAL A 175 13.64 15.73 -10.08
N LEU A 176 12.74 14.80 -10.35
CA LEU A 176 11.96 14.77 -11.57
C LEU A 176 10.52 15.17 -11.25
N VAL A 177 10.02 16.19 -11.93
CA VAL A 177 8.71 16.77 -11.65
C VAL A 177 7.79 16.48 -12.82
N ALA A 178 6.68 15.82 -12.52
CA ALA A 178 5.56 15.64 -13.46
C ALA A 178 4.75 16.94 -13.50
N GLY A 179 5.27 17.89 -14.26
CA GLY A 179 4.65 19.19 -14.39
C GLY A 179 5.72 20.24 -14.69
N GLU A 180 5.51 21.43 -14.13
CA GLU A 180 6.47 22.51 -14.20
C GLU A 180 7.61 22.22 -13.23
N ALA A 181 8.78 21.89 -13.75
CA ALA A 181 9.86 21.34 -12.94
C ALA A 181 10.62 22.39 -12.15
N ALA A 182 10.42 23.68 -12.43
CA ALA A 182 11.07 24.79 -11.73
C ALA A 182 12.57 24.64 -11.96
N GLU A 183 13.40 24.57 -10.92
CA GLU A 183 14.82 24.39 -11.14
C GLU A 183 15.21 22.94 -11.36
N PHE A 184 14.25 22.02 -11.31
CA PHE A 184 14.53 20.61 -11.31
C PHE A 184 14.38 20.06 -12.73
N THR A 185 14.25 18.75 -12.85
CA THR A 185 14.14 18.08 -14.15
C THR A 185 12.68 17.76 -14.42
N ALA A 186 12.20 18.06 -15.61
CA ALA A 186 10.87 17.64 -16.01
C ALA A 186 10.89 16.17 -16.40
N LEU A 187 9.98 15.40 -15.81
CA LEU A 187 9.90 13.98 -16.11
C LEU A 187 9.60 13.73 -17.59
N ALA A 188 8.94 14.67 -18.27
CA ALA A 188 8.68 14.51 -19.71
C ALA A 188 9.94 14.62 -20.54
N ASP A 189 10.96 15.31 -20.04
CA ASP A 189 12.22 15.41 -20.76
C ASP A 189 13.13 14.22 -20.54
N VAL A 190 12.81 13.35 -19.58
CA VAL A 190 13.58 12.13 -19.34
C VAL A 190 13.18 11.11 -20.40
N ASP A 191 13.88 11.15 -21.52
CA ASP A 191 13.52 10.48 -22.75
C ASP A 191 14.71 10.47 -23.70
N ALA A 192 15.05 9.30 -24.23
CA ALA A 192 16.18 9.16 -25.13
C ALA A 192 15.99 7.88 -25.91
N ALA A 193 16.74 7.76 -27.00
CA ALA A 193 16.64 6.58 -27.85
C ALA A 193 16.86 5.33 -27.01
N PRO A 194 16.03 4.31 -27.15
CA PRO A 194 16.17 3.11 -26.31
C PRO A 194 17.56 2.49 -26.44
N VAL A 195 18.04 1.94 -25.34
CA VAL A 195 19.37 1.37 -25.25
C VAL A 195 19.21 -0.07 -24.75
N PRO A 196 20.04 -1.01 -25.20
CA PRO A 196 20.06 -2.33 -24.56
C PRO A 196 20.42 -2.26 -23.08
N LEU A 197 19.46 -2.61 -22.23
CA LEU A 197 19.64 -2.59 -20.79
C LEU A 197 19.63 -4.02 -20.26
N ALA A 198 20.56 -4.33 -19.36
CA ALA A 198 20.66 -5.68 -18.83
C ALA A 198 19.46 -6.02 -17.96
N GLU A 199 19.00 -7.26 -18.09
CA GLU A 199 17.99 -7.76 -17.19
C GLU A 199 18.56 -7.84 -15.77
N PRO A 200 17.77 -7.55 -14.75
CA PRO A 200 18.20 -7.80 -13.38
C PRO A 200 17.94 -9.24 -13.00
N ASP A 201 18.58 -9.67 -11.92
CA ASP A 201 18.34 -11.00 -11.39
C ASP A 201 16.95 -11.05 -10.78
N PRO A 202 16.12 -12.06 -11.13
CA PRO A 202 14.74 -12.08 -10.63
C PRO A 202 14.64 -12.35 -9.14
N GLY A 203 15.69 -12.87 -8.52
CA GLY A 203 15.74 -13.06 -7.09
C GLY A 203 16.08 -11.83 -6.29
N ASP A 204 16.32 -10.70 -6.94
CA ASP A 204 16.66 -9.46 -6.27
C ASP A 204 15.42 -8.63 -5.98
N VAL A 205 15.58 -7.64 -5.08
CA VAL A 205 14.52 -6.68 -4.81
C VAL A 205 14.19 -5.92 -6.09
N ALA A 206 12.90 -5.83 -6.40
CA ALA A 206 12.43 -5.02 -7.52
C ALA A 206 11.90 -3.66 -7.09
N LEU A 207 11.25 -3.58 -5.93
CA LEU A 207 10.70 -2.33 -5.43
C LEU A 207 10.71 -2.38 -3.90
N LEU A 208 10.53 -1.21 -3.31
CA LEU A 208 10.34 -1.09 -1.87
C LEU A 208 8.99 -0.42 -1.62
N LEU A 209 8.18 -1.09 -0.82
CA LEU A 209 6.89 -0.59 -0.35
C LEU A 209 7.05 -0.02 1.05
N LEU A 210 6.20 0.92 1.38
CA LEU A 210 6.17 1.51 2.71
C LEU A 210 5.11 0.77 3.51
N SER A 211 5.49 0.23 4.65
CA SER A 211 4.47 -0.39 5.48
C SER A 211 3.74 0.67 6.29
N GLY A 212 2.54 0.32 6.75
CA GLY A 212 1.78 1.21 7.60
C GLY A 212 2.53 1.62 8.85
N GLY A 213 3.27 0.69 9.45
CA GLY A 213 4.14 1.03 10.55
C GLY A 213 3.60 0.68 11.93
N THR A 214 4.50 0.24 12.82
CA THR A 214 4.22 0.07 14.24
C THR A 214 5.31 0.65 15.12
N THR A 215 6.40 1.14 14.56
CA THR A 215 7.48 1.72 15.32
C THR A 215 7.54 3.22 15.07
N GLY A 216 8.54 3.87 15.67
CA GLY A 216 8.64 5.32 15.60
C GLY A 216 8.97 5.85 14.21
N LYS A 217 9.44 4.99 13.32
CA LYS A 217 9.80 5.41 11.97
C LYS A 217 9.25 4.40 10.97
N PRO A 218 8.67 4.87 9.85
CA PRO A 218 8.12 3.95 8.85
C PRO A 218 9.14 2.92 8.39
N LYS A 219 8.68 1.82 7.81
CA LYS A 219 9.54 0.69 7.48
C LYS A 219 9.28 0.25 6.05
N LEU A 220 10.36 -0.04 5.33
CA LEU A 220 10.27 -0.36 3.92
C LEU A 220 10.32 -1.87 3.74
N ILE A 221 9.49 -2.36 2.83
CA ILE A 221 9.27 -3.78 2.57
C ILE A 221 9.90 -4.09 1.21
N PRO A 222 10.97 -4.89 1.16
CA PRO A 222 11.51 -5.31 -0.14
C PRO A 222 10.64 -6.41 -0.74
N ARG A 223 10.28 -6.24 -2.01
CA ARG A 223 9.56 -7.24 -2.77
C ARG A 223 10.41 -7.62 -3.96
N THR A 224 10.72 -8.91 -4.09
CA THR A 224 11.58 -9.31 -5.19
C THR A 224 10.77 -9.46 -6.47
N HIS A 225 11.50 -9.55 -7.59
CA HIS A 225 10.85 -9.78 -8.88
C HIS A 225 10.02 -11.06 -8.87
N ASP A 226 10.58 -12.14 -8.30
CA ASP A 226 9.88 -13.42 -8.30
C ASP A 226 8.65 -13.38 -7.39
N ASP A 227 8.74 -12.79 -6.21
CA ASP A 227 7.57 -12.86 -5.34
C ASP A 227 6.49 -11.87 -5.75
N TYR A 228 6.86 -10.74 -6.34
CA TYR A 228 5.86 -9.76 -6.75
C TYR A 228 5.19 -10.16 -8.05
N THR A 229 5.90 -10.83 -8.96
CA THR A 229 5.25 -11.36 -10.15
C THR A 229 4.20 -12.40 -9.76
N TYR A 230 4.54 -13.26 -8.79
CA TYR A 230 3.64 -14.31 -8.35
C TYR A 230 2.43 -13.73 -7.64
N ASN A 231 2.67 -12.76 -6.77
CA ASN A 231 1.61 -11.93 -6.19
C ASN A 231 0.65 -11.45 -7.27
N VAL A 232 1.17 -10.81 -8.32
CA VAL A 232 0.34 -10.30 -9.40
C VAL A 232 -0.32 -11.44 -10.16
N ARG A 233 0.46 -12.46 -10.53
CA ARG A 233 -0.04 -13.52 -11.40
C ARG A 233 -1.11 -14.37 -10.71
N ALA A 234 -0.85 -14.77 -9.45
CA ALA A 234 -1.81 -15.59 -8.71
C ALA A 234 -3.04 -14.80 -8.30
N SER A 235 -2.90 -13.50 -8.04
N SER A 235 -2.89 -13.50 -8.02
CA SER A 235 -4.07 -12.70 -7.71
CA SER A 235 -4.05 -12.67 -7.71
C SER A 235 -4.98 -12.51 -8.92
C SER A 235 -4.96 -12.53 -8.93
N ALA A 236 -4.39 -12.33 -10.11
CA ALA A 236 -5.20 -12.20 -11.31
C ALA A 236 -5.97 -13.47 -11.59
N GLU A 237 -5.36 -14.63 -11.32
CA GLU A 237 -6.05 -15.90 -11.53
C GLU A 237 -7.25 -16.05 -10.59
N VAL A 238 -7.03 -15.76 -9.31
CA VAL A 238 -8.09 -15.93 -8.32
C VAL A 238 -9.19 -14.88 -8.49
N CYS A 239 -8.89 -13.77 -9.15
CA CYS A 239 -9.86 -12.70 -9.35
C CYS A 239 -10.49 -12.72 -10.73
N GLY A 240 -10.17 -13.72 -11.55
CA GLY A 240 -10.76 -13.80 -12.86
C GLY A 240 -10.35 -12.71 -13.81
N PHE A 241 -9.25 -12.03 -13.53
CA PHE A 241 -8.75 -10.99 -14.43
C PHE A 241 -8.36 -11.61 -15.76
N ASP A 242 -8.80 -11.00 -16.86
CA ASP A 242 -8.45 -11.47 -18.19
C ASP A 242 -8.33 -10.27 -19.13
N SER A 243 -8.10 -10.55 -20.41
CA SER A 243 -8.02 -9.50 -21.43
C SER A 243 -9.30 -8.67 -21.54
N ASP A 244 -10.42 -9.14 -20.99
CA ASP A 244 -11.65 -8.38 -20.97
C ASP A 244 -11.86 -7.62 -19.65
N THR A 245 -10.89 -7.63 -18.76
CA THR A 245 -10.97 -6.84 -17.54
C THR A 245 -10.69 -5.39 -17.86
N VAL A 246 -11.56 -4.50 -17.42
CA VAL A 246 -11.32 -3.06 -17.39
C VAL A 246 -11.21 -2.68 -15.92
N TYR A 247 -9.99 -2.44 -15.44
CA TYR A 247 -9.76 -2.21 -14.01
C TYR A 247 -9.64 -0.72 -13.75
N LEU A 248 -10.47 -0.20 -12.84
CA LEU A 248 -10.42 1.20 -12.47
C LEU A 248 -9.56 1.38 -11.22
N VAL A 249 -8.50 2.18 -11.34
CA VAL A 249 -7.58 2.43 -10.24
C VAL A 249 -8.14 3.59 -9.43
N VAL A 250 -8.73 3.25 -8.29
CA VAL A 250 -9.38 4.21 -7.40
C VAL A 250 -8.50 4.57 -6.21
N LEU A 251 -7.83 3.59 -5.63
CA LEU A 251 -6.80 3.83 -4.63
C LEU A 251 -5.55 4.35 -5.33
N PRO A 252 -4.59 4.88 -4.56
CA PRO A 252 -3.34 5.32 -5.18
C PRO A 252 -2.62 4.18 -5.89
N THR A 253 -2.05 4.52 -7.06
CA THR A 253 -1.25 3.58 -7.83
C THR A 253 -0.18 2.91 -6.98
N ALA A 254 0.37 3.64 -6.00
CA ALA A 254 1.41 3.13 -5.10
C ALA A 254 0.89 2.25 -3.97
N HIS A 255 -0.42 2.10 -3.85
CA HIS A 255 -0.99 1.17 -2.89
C HIS A 255 -0.86 -0.26 -3.42
N ASN A 256 -0.30 -1.15 -2.59
CA ASN A 256 -0.13 -2.55 -2.99
C ASN A 256 -1.42 -3.15 -3.54
N PHE A 257 -2.55 -2.79 -2.93
CA PHE A 257 -3.88 -3.28 -3.30
C PHE A 257 -4.22 -2.92 -4.74
N ALA A 258 -4.05 -1.66 -5.11
CA ALA A 258 -4.37 -1.21 -6.46
C ALA A 258 -3.24 -1.43 -7.45
N LEU A 259 -2.04 -1.75 -6.98
CA LEU A 259 -0.90 -2.00 -7.87
C LEU A 259 -0.83 -3.45 -8.29
N ALA A 260 -1.12 -4.37 -7.37
CA ALA A 260 -0.72 -5.75 -7.56
C ALA A 260 -1.67 -6.78 -6.99
N CYS A 261 -2.86 -6.42 -6.53
CA CYS A 261 -3.68 -7.44 -5.89
C CYS A 261 -5.08 -7.58 -6.52
N PRO A 262 -5.19 -7.80 -7.84
CA PRO A 262 -4.18 -7.89 -8.90
C PRO A 262 -3.76 -6.51 -9.36
N GLY A 263 -4.59 -5.52 -9.05
CA GLY A 263 -4.24 -4.16 -9.36
C GLY A 263 -3.98 -3.94 -10.83
N LEU A 264 -3.25 -2.86 -11.10
CA LEU A 264 -2.97 -2.51 -12.48
C LEU A 264 -1.94 -3.43 -13.11
N LEU A 265 -0.97 -3.91 -12.34
CA LEU A 265 0.02 -4.82 -12.90
C LEU A 265 -0.62 -6.12 -13.37
N GLY A 266 -1.63 -6.61 -12.64
CA GLY A 266 -2.35 -7.80 -13.05
C GLY A 266 -3.21 -7.57 -14.28
N THR A 267 -3.81 -6.38 -14.37
CA THR A 267 -4.54 -6.01 -15.57
C THR A 267 -3.63 -5.96 -16.79
N LEU A 268 -2.45 -5.35 -16.65
CA LEU A 268 -1.50 -5.32 -17.74
C LEU A 268 -0.90 -6.70 -18.00
N MET A 269 -0.76 -7.53 -16.97
CA MET A 269 -0.16 -8.84 -17.20
C MET A 269 -1.06 -9.69 -18.10
N VAL A 270 -2.38 -9.60 -17.92
CA VAL A 270 -3.30 -10.41 -18.71
C VAL A 270 -3.82 -9.70 -19.94
N GLY A 271 -3.56 -8.41 -20.10
CA GLY A 271 -3.96 -7.72 -21.30
C GLY A 271 -5.29 -7.00 -21.24
N GLY A 272 -5.77 -6.65 -20.05
CA GLY A 272 -6.95 -5.84 -19.92
C GLY A 272 -6.64 -4.37 -20.12
N THR A 273 -7.58 -3.52 -19.71
CA THR A 273 -7.40 -2.07 -19.74
C THR A 273 -7.35 -1.52 -18.33
N VAL A 274 -6.29 -0.77 -18.03
CA VAL A 274 -6.19 0.01 -16.81
C VAL A 274 -6.81 1.38 -17.04
N VAL A 275 -7.71 1.79 -16.15
CA VAL A 275 -8.36 3.09 -16.21
C VAL A 275 -8.09 3.82 -14.90
N LEU A 276 -7.54 5.02 -15.00
CA LEU A 276 -7.06 5.76 -13.84
C LEU A 276 -8.13 6.74 -13.36
N ALA A 277 -8.54 6.58 -12.09
CA ALA A 277 -9.46 7.51 -11.43
C ALA A 277 -8.67 8.59 -10.68
N PRO A 278 -9.06 9.86 -10.79
CA PRO A 278 -8.32 10.90 -10.04
C PRO A 278 -8.66 10.91 -8.58
N THR A 279 -9.92 10.66 -8.23
CA THR A 279 -10.37 10.53 -6.85
C THR A 279 -11.41 9.42 -6.80
N PRO A 280 -11.70 8.92 -5.60
CA PRO A 280 -12.74 7.90 -5.44
C PRO A 280 -14.15 8.46 -5.35
N SER A 281 -14.34 9.76 -5.51
CA SER A 281 -15.68 10.32 -5.40
C SER A 281 -16.56 9.74 -6.50
N PRO A 282 -17.86 9.56 -6.23
CA PRO A 282 -18.77 9.11 -7.29
C PRO A 282 -18.73 10.00 -8.51
N GLU A 283 -18.57 11.31 -8.32
CA GLU A 283 -18.46 12.24 -9.43
C GLU A 283 -17.45 11.75 -10.46
N ASP A 284 -16.25 11.40 -10.01
CA ASP A 284 -15.22 10.92 -10.92
C ASP A 284 -15.36 9.42 -11.20
N ALA A 285 -15.59 8.62 -10.16
CA ALA A 285 -15.55 7.17 -10.32
C ALA A 285 -16.72 6.66 -11.17
N PHE A 286 -17.94 7.13 -10.90
CA PHE A 286 -19.10 6.56 -11.59
C PHE A 286 -19.09 6.93 -13.07
N GLU A 287 -18.55 8.10 -13.42
CA GLU A 287 -18.52 8.49 -14.83
C GLU A 287 -17.52 7.66 -15.61
N LEU A 288 -16.35 7.38 -15.03
CA LEU A 288 -15.38 6.52 -15.68
C LEU A 288 -15.88 5.09 -15.82
N ILE A 289 -16.69 4.61 -14.86
CA ILE A 289 -17.26 3.26 -14.97
C ILE A 289 -18.22 3.19 -16.12
N GLU A 290 -19.10 4.20 -16.24
CA GLU A 290 -20.01 4.25 -17.38
C GLU A 290 -19.26 4.50 -18.68
N ARG A 291 -18.30 5.43 -18.66
CA ARG A 291 -17.64 5.82 -19.90
C ARG A 291 -16.75 4.70 -20.44
N GLU A 292 -15.98 4.05 -19.57
CA GLU A 292 -14.99 3.06 -19.98
C GLU A 292 -15.49 1.62 -19.85
N LYS A 293 -16.70 1.43 -19.35
CA LYS A 293 -17.24 0.09 -19.08
C LYS A 293 -16.29 -0.72 -18.19
N VAL A 294 -16.00 -0.13 -17.02
CA VAL A 294 -15.17 -0.77 -16.02
C VAL A 294 -15.85 -2.03 -15.50
N THR A 295 -15.08 -3.10 -15.38
CA THR A 295 -15.59 -4.36 -14.88
C THR A 295 -15.11 -4.67 -13.46
N ALA A 296 -14.04 -4.03 -13.00
CA ALA A 296 -13.44 -4.38 -11.73
C ALA A 296 -12.78 -3.15 -11.10
N THR A 297 -12.83 -3.07 -9.78
CA THR A 297 -12.09 -2.05 -9.04
C THR A 297 -11.91 -2.52 -7.60
N ALA A 298 -11.19 -1.74 -6.83
CA ALA A 298 -10.87 -2.07 -5.45
C ALA A 298 -11.00 -0.82 -4.62
N VAL A 299 -11.66 -0.90 -3.47
CA VAL A 299 -11.86 0.25 -2.60
C VAL A 299 -11.68 -0.18 -1.16
N VAL A 300 -11.53 0.81 -0.28
CA VAL A 300 -11.53 0.64 1.16
C VAL A 300 -12.98 0.74 1.64
N PRO A 301 -13.33 0.23 2.81
CA PRO A 301 -14.73 0.23 3.24
C PRO A 301 -15.36 1.61 3.32
N PRO A 302 -14.65 2.66 3.72
CA PRO A 302 -15.31 3.99 3.69
C PRO A 302 -15.79 4.40 2.30
N VAL A 303 -15.02 4.10 1.26
CA VAL A 303 -15.44 4.39 -0.11
C VAL A 303 -16.55 3.43 -0.54
N ALA A 304 -16.49 2.17 -0.10
CA ALA A 304 -17.59 1.24 -0.34
C ALA A 304 -18.92 1.81 0.16
N LEU A 305 -18.96 2.28 1.41
CA LEU A 305 -20.19 2.82 1.98
C LEU A 305 -20.68 4.04 1.22
N LEU A 306 -19.76 4.94 0.86
CA LEU A 306 -20.12 6.10 0.05
C LEU A 306 -20.79 5.69 -1.26
N TRP A 307 -20.17 4.79 -2.02
CA TRP A 307 -20.73 4.38 -3.30
C TRP A 307 -22.07 3.68 -3.08
N LEU A 308 -22.15 2.87 -2.04
CA LEU A 308 -23.38 2.19 -1.67
C LEU A 308 -24.49 3.18 -1.38
N ASP A 309 -24.14 4.33 -0.78
CA ASP A 309 -25.08 5.42 -0.57
C ASP A 309 -25.43 6.12 -1.88
N ALA A 310 -24.40 6.44 -2.68
CA ALA A 310 -24.50 7.39 -3.77
C ALA A 310 -25.33 6.89 -4.95
N VAL A 311 -25.47 5.58 -5.12
CA VAL A 311 -26.29 5.05 -6.21
C VAL A 311 -27.75 5.45 -6.10
N GLU A 312 -28.20 5.85 -4.91
CA GLU A 312 -29.58 6.26 -4.74
C GLU A 312 -29.84 7.70 -5.16
N TRP A 313 -28.80 8.46 -5.55
CA TRP A 313 -29.00 9.77 -6.16
C TRP A 313 -28.12 10.02 -7.37
N GLU A 314 -27.25 9.10 -7.74
CA GLU A 314 -26.50 9.22 -8.98
C GLU A 314 -27.22 8.42 -10.06
N ASP A 315 -27.15 8.91 -11.30
CA ASP A 315 -27.84 8.26 -12.40
C ASP A 315 -26.88 7.58 -13.37
N ALA A 316 -25.61 7.44 -13.01
CA ALA A 316 -24.66 6.74 -13.87
C ALA A 316 -25.06 5.28 -14.07
N ASP A 317 -24.74 4.75 -15.24
CA ASP A 317 -24.92 3.34 -15.57
C ASP A 317 -23.68 2.57 -15.11
N LEU A 318 -23.81 1.81 -14.03
CA LEU A 318 -22.69 1.07 -13.47
C LEU A 318 -22.76 -0.42 -13.80
N SER A 319 -23.62 -0.81 -14.74
CA SER A 319 -23.95 -2.22 -14.94
C SER A 319 -22.76 -3.04 -15.40
N SER A 320 -21.77 -2.43 -16.06
CA SER A 320 -20.59 -3.16 -16.51
C SER A 320 -19.76 -3.70 -15.35
N LEU A 321 -19.93 -3.13 -14.17
CA LEU A 321 -19.25 -3.62 -12.98
C LEU A 321 -19.53 -5.09 -12.75
N ARG A 322 -18.46 -5.86 -12.61
CA ARG A 322 -18.57 -7.27 -12.26
C ARG A 322 -17.97 -7.60 -10.91
N LEU A 323 -16.96 -6.87 -10.47
CA LEU A 323 -16.23 -7.23 -9.25
C LEU A 323 -15.81 -5.98 -8.49
N LEU A 324 -16.21 -5.91 -7.22
CA LEU A 324 -15.77 -4.87 -6.30
C LEU A 324 -14.97 -5.52 -5.18
N GLN A 325 -13.67 -5.28 -5.16
CA GLN A 325 -12.83 -5.70 -4.05
C GLN A 325 -12.88 -4.65 -2.95
N VAL A 326 -13.01 -5.11 -1.71
CA VAL A 326 -13.07 -4.23 -0.55
C VAL A 326 -12.08 -4.75 0.50
N GLY A 327 -11.11 -3.91 0.85
CA GLY A 327 -10.09 -4.30 1.80
C GLY A 327 -9.43 -3.08 2.41
N GLY A 328 -8.33 -3.32 3.10
CA GLY A 328 -7.62 -2.30 3.88
C GLY A 328 -8.11 -2.22 5.31
N SER A 329 -9.41 -2.42 5.51
CA SER A 329 -9.99 -2.64 6.82
C SER A 329 -11.23 -3.49 6.62
N LYS A 330 -11.85 -3.92 7.71
CA LYS A 330 -12.86 -4.96 7.63
C LYS A 330 -14.21 -4.35 7.22
N LEU A 331 -14.76 -4.85 6.10
CA LEU A 331 -16.10 -4.45 5.68
C LEU A 331 -17.12 -5.21 6.53
N GLY A 332 -18.08 -4.47 7.06
CA GLY A 332 -19.11 -5.09 7.87
C GLY A 332 -20.06 -5.92 7.04
N ALA A 333 -20.69 -6.89 7.71
CA ALA A 333 -21.54 -7.86 7.03
C ALA A 333 -22.81 -7.22 6.50
N GLU A 334 -23.32 -6.18 7.16
CA GLU A 334 -24.53 -5.53 6.68
C GLU A 334 -24.30 -4.78 5.38
N PRO A 335 -23.32 -3.88 5.25
CA PRO A 335 -23.05 -3.31 3.91
C PRO A 335 -22.52 -4.32 2.91
N ALA A 336 -21.74 -5.31 3.35
CA ALA A 336 -21.30 -6.36 2.44
C ALA A 336 -22.47 -7.02 1.76
N ALA A 337 -23.56 -7.24 2.51
CA ALA A 337 -24.75 -7.85 1.93
C ALA A 337 -25.46 -6.93 0.93
N ARG A 338 -25.24 -5.63 1.02
CA ARG A 338 -25.82 -4.64 0.12
C ARG A 338 -25.12 -4.52 -1.22
N VAL A 339 -23.97 -5.16 -1.42
CA VAL A 339 -23.17 -4.87 -2.61
C VAL A 339 -23.88 -5.37 -3.87
N ARG A 340 -24.44 -6.58 -3.82
CA ARG A 340 -25.14 -7.11 -4.98
C ARG A 340 -26.43 -6.36 -5.29
N PRO A 341 -27.31 -6.06 -4.32
CA PRO A 341 -28.51 -5.28 -4.67
C PRO A 341 -28.22 -3.88 -5.14
N ALA A 342 -27.33 -3.16 -4.45
CA ALA A 342 -27.10 -1.75 -4.74
C ALA A 342 -26.19 -1.53 -5.95
N LEU A 343 -25.11 -2.30 -6.07
CA LEU A 343 -24.14 -2.06 -7.13
C LEU A 343 -24.19 -3.10 -8.25
N GLY A 344 -25.00 -4.14 -8.12
CA GLY A 344 -25.17 -5.10 -9.20
C GLY A 344 -23.94 -5.92 -9.56
N CYS A 345 -23.02 -6.13 -8.63
CA CYS A 345 -21.79 -6.85 -8.91
C CYS A 345 -21.49 -7.82 -7.78
N THR A 346 -20.41 -8.57 -7.93
CA THR A 346 -19.91 -9.49 -6.92
C THR A 346 -18.91 -8.78 -6.02
N LEU A 347 -19.03 -9.04 -4.71
CA LEU A 347 -18.08 -8.51 -3.73
C LEU A 347 -16.97 -9.52 -3.49
N GLN A 348 -15.75 -9.01 -3.36
CA GLN A 348 -14.64 -9.81 -2.87
C GLN A 348 -14.01 -9.07 -1.70
N GLN A 349 -14.00 -9.70 -0.53
CA GLN A 349 -13.27 -9.18 0.59
C GLN A 349 -11.79 -9.56 0.45
N VAL A 350 -10.91 -8.61 0.72
CA VAL A 350 -9.48 -8.83 0.58
C VAL A 350 -8.81 -8.43 1.89
N PHE A 351 -8.20 -9.42 2.55
CA PHE A 351 -7.43 -9.21 3.78
C PHE A 351 -5.97 -9.36 3.38
N GLY A 352 -5.32 -8.24 3.08
CA GLY A 352 -3.96 -8.25 2.58
C GLY A 352 -3.06 -7.29 3.33
N MET A 353 -1.79 -7.30 2.94
CA MET A 353 -0.78 -6.45 3.56
C MET A 353 0.37 -6.28 2.57
N ALA A 354 0.97 -5.10 2.58
CA ALA A 354 2.14 -4.87 1.74
C ALA A 354 3.27 -5.81 2.11
N GLU A 355 3.29 -6.32 3.35
CA GLU A 355 4.32 -7.26 3.75
C GLU A 355 4.22 -8.61 3.03
N GLY A 356 3.05 -8.94 2.47
CA GLY A 356 2.89 -10.21 1.80
C GLY A 356 1.49 -10.75 1.80
N LEU A 357 1.20 -11.69 2.72
CA LEU A 357 -0.01 -12.51 2.79
C LEU A 357 -1.27 -11.80 2.30
N LEU A 358 -1.92 -12.40 1.31
CA LEU A 358 -3.19 -11.93 0.78
C LEU A 358 -4.23 -13.00 1.02
N ASN A 359 -5.34 -12.61 1.63
CA ASN A 359 -6.51 -13.46 1.76
C ASN A 359 -7.60 -12.89 0.88
N TYR A 360 -8.23 -13.75 0.07
CA TYR A 360 -9.30 -13.35 -0.81
C TYR A 360 -10.48 -14.28 -0.59
N THR A 361 -11.68 -13.71 -0.59
CA THR A 361 -12.83 -14.57 -0.83
C THR A 361 -12.83 -14.95 -2.30
N ARG A 362 -13.27 -16.18 -2.58
CA ARG A 362 -13.36 -16.62 -3.96
C ARG A 362 -14.65 -16.10 -4.58
N LEU A 363 -14.60 -15.81 -5.88
CA LEU A 363 -15.74 -15.15 -6.51
C LEU A 363 -16.99 -16.02 -6.54
N ASP A 364 -16.84 -17.34 -6.48
CA ASP A 364 -18.01 -18.22 -6.41
C ASP A 364 -18.21 -18.83 -5.03
N ASP A 365 -17.53 -18.33 -4.00
CA ASP A 365 -17.85 -18.71 -2.63
C ASP A 365 -19.35 -18.50 -2.41
N PRO A 366 -20.00 -19.32 -1.60
CA PRO A 366 -21.34 -18.97 -1.13
C PRO A 366 -21.35 -17.55 -0.55
N SER A 367 -22.48 -16.86 -0.72
CA SER A 367 -22.54 -15.46 -0.32
C SER A 367 -22.40 -15.28 1.18
N ASP A 368 -22.77 -16.30 1.96
CA ASP A 368 -22.43 -16.33 3.38
C ASP A 368 -20.95 -16.03 3.62
N LEU A 369 -20.07 -16.67 2.86
CA LEU A 369 -18.64 -16.50 3.14
C LEU A 369 -18.11 -15.18 2.61
N VAL A 370 -18.71 -14.67 1.53
CA VAL A 370 -18.32 -13.37 0.99
C VAL A 370 -18.79 -12.27 1.91
N ILE A 371 -19.88 -12.51 2.65
CA ILE A 371 -20.45 -11.49 3.53
C ILE A 371 -19.75 -11.47 4.87
N GLN A 372 -19.42 -12.65 5.42
CA GLN A 372 -19.04 -12.79 6.81
C GLN A 372 -17.55 -13.03 7.04
N THR A 373 -16.77 -13.29 6.00
CA THR A 373 -15.35 -13.60 6.17
C THR A 373 -14.50 -12.67 5.33
N GLN A 374 -13.23 -12.60 5.69
CA GLN A 374 -12.24 -11.80 4.96
C GLN A 374 -11.34 -12.65 4.06
N GLY A 375 -11.80 -13.84 3.66
CA GLY A 375 -11.13 -14.63 2.65
C GLY A 375 -10.25 -15.72 3.21
N ARG A 376 -9.62 -16.44 2.29
CA ARG A 376 -8.67 -17.48 2.61
C ARG A 376 -7.41 -17.27 1.77
N PRO A 377 -6.27 -17.81 2.22
CA PRO A 377 -4.99 -17.41 1.64
C PRO A 377 -4.88 -17.67 0.15
N LEU A 378 -4.04 -16.86 -0.50
CA LEU A 378 -3.91 -16.90 -1.95
C LEU A 378 -3.15 -18.13 -2.42
N SER A 379 -2.08 -18.52 -1.72
CA SER A 379 -1.17 -19.55 -2.22
C SER A 379 -1.33 -20.83 -1.42
N PRO A 380 -1.26 -22.00 -2.06
CA PRO A 380 -1.24 -23.26 -1.31
C PRO A 380 -0.10 -23.34 -0.30
N ASP A 381 0.96 -22.56 -0.49
CA ASP A 381 2.11 -22.58 0.39
C ASP A 381 2.19 -21.33 1.26
N ASP A 382 1.14 -20.53 1.32
CA ASP A 382 0.94 -19.62 2.45
C ASP A 382 0.70 -20.43 3.71
N GLU A 383 1.57 -20.29 4.70
CA GLU A 383 1.43 -20.98 5.96
C GLU A 383 0.87 -20.04 7.01
N ILE A 384 -0.10 -20.52 7.76
CA ILE A 384 -0.87 -19.73 8.71
C ILE A 384 -0.67 -20.32 10.09
N ARG A 385 -0.38 -19.46 11.06
CA ARG A 385 -0.39 -19.85 12.46
C ARG A 385 -1.15 -18.78 13.24
N VAL A 386 -1.96 -19.23 14.19
CA VAL A 386 -2.73 -18.35 15.06
C VAL A 386 -2.39 -18.74 16.48
N VAL A 387 -1.78 -17.81 17.21
CA VAL A 387 -1.14 -18.08 18.49
C VAL A 387 -1.73 -17.17 19.57
N ASP A 388 -1.55 -17.58 20.84
CA ASP A 388 -2.03 -16.77 21.95
C ASP A 388 -0.91 -15.85 22.45
N GLU A 389 -1.13 -15.23 23.61
CA GLU A 389 -0.14 -14.30 24.16
C GLU A 389 1.17 -15.02 24.46
N ASP A 390 1.09 -16.25 24.96
CA ASP A 390 2.29 -17.05 25.20
C ASP A 390 2.93 -17.60 23.93
N GLY A 391 2.54 -17.12 22.74
CA GLY A 391 3.06 -17.66 21.50
C GLY A 391 2.61 -19.05 21.15
N ARG A 392 1.56 -19.56 21.80
CA ARG A 392 1.11 -20.93 21.63
C ARG A 392 -0.07 -20.99 20.67
N ASP A 393 -0.05 -21.98 19.79
CA ASP A 393 -1.14 -22.18 18.85
C ASP A 393 -2.47 -22.33 19.57
N VAL A 394 -3.48 -21.64 19.07
CA VAL A 394 -4.81 -21.63 19.67
C VAL A 394 -5.51 -22.93 19.30
N ALA A 395 -6.60 -23.23 19.99
CA ALA A 395 -7.46 -24.31 19.54
C ALA A 395 -8.16 -23.87 18.26
N PRO A 396 -8.58 -24.81 17.42
CA PRO A 396 -9.32 -24.47 16.20
C PRO A 396 -10.51 -23.54 16.46
N GLY A 397 -10.54 -22.43 15.73
CA GLY A 397 -11.66 -21.50 15.82
C GLY A 397 -11.58 -20.50 16.95
N GLU A 398 -10.52 -20.51 17.74
CA GLU A 398 -10.29 -19.47 18.74
C GLU A 398 -9.53 -18.28 18.10
N THR A 399 -9.61 -17.14 18.77
CA THR A 399 -9.00 -15.90 18.31
C THR A 399 -7.57 -15.81 18.84
N GLY A 400 -6.62 -15.55 17.94
CA GLY A 400 -5.26 -15.26 18.34
C GLY A 400 -4.56 -14.38 17.34
N GLU A 401 -3.26 -14.14 17.50
CA GLU A 401 -2.56 -13.32 16.53
C GLU A 401 -2.09 -14.18 15.37
N LEU A 402 -2.25 -13.63 14.17
CA LEU A 402 -1.88 -14.30 12.94
C LEU A 402 -0.40 -14.14 12.65
N LEU A 403 0.25 -15.27 12.43
CA LEU A 403 1.61 -15.32 11.92
C LEU A 403 1.58 -16.01 10.58
N THR A 404 2.41 -15.57 9.65
CA THR A 404 2.33 -16.14 8.33
C THR A 404 3.72 -16.16 7.71
N ARG A 405 3.90 -17.10 6.79
CA ARG A 405 5.14 -17.35 6.09
C ARG A 405 4.74 -17.88 4.72
N GLY A 406 5.38 -17.39 3.66
CA GLY A 406 5.01 -17.87 2.35
C GLY A 406 5.86 -17.35 1.21
N PRO A 407 5.46 -17.69 -0.02
CA PRO A 407 6.28 -17.38 -1.19
C PRO A 407 6.30 -15.92 -1.60
N TYR A 408 5.54 -15.04 -0.97
CA TYR A 408 5.60 -13.62 -1.30
C TYR A 408 5.54 -12.77 -0.03
N THR A 409 5.70 -13.37 1.14
CA THR A 409 5.72 -12.66 2.41
C THR A 409 7.19 -12.47 2.82
N LEU A 410 7.55 -11.26 3.20
CA LEU A 410 8.95 -10.93 3.47
C LEU A 410 9.47 -11.69 4.67
N ARG A 411 10.77 -11.92 4.68
CA ARG A 411 11.48 -12.46 5.83
C ARG A 411 12.11 -11.37 6.69
N GLY A 412 12.01 -10.12 6.29
CA GLY A 412 12.56 -9.02 7.06
C GLY A 412 12.34 -7.69 6.39
N TYR A 413 12.10 -6.64 7.18
CA TYR A 413 12.03 -5.30 6.63
C TYR A 413 13.40 -4.84 6.16
N TYR A 414 13.40 -3.78 5.35
CA TYR A 414 14.62 -3.27 4.74
C TYR A 414 15.38 -2.40 5.76
N ARG A 415 16.64 -2.77 6.01
CA ARG A 415 17.55 -2.02 6.89
C ARG A 415 16.90 -1.72 8.23
N ALA A 416 16.21 -2.72 8.78
CA ALA A 416 15.51 -2.63 10.06
C ALA A 416 15.78 -3.87 10.89
N PRO A 417 17.04 -4.12 11.25
CA PRO A 417 17.35 -5.38 11.93
C PRO A 417 16.83 -5.43 13.34
N GLU A 418 16.76 -4.30 14.04
CA GLU A 418 16.21 -4.31 15.39
C GLU A 418 14.73 -4.65 15.37
N HIS A 419 13.98 -3.99 14.48
CA HIS A 419 12.57 -4.30 14.34
C HIS A 419 12.36 -5.71 13.81
N ASN A 420 13.29 -6.20 12.98
CA ASN A 420 13.18 -7.55 12.46
C ASN A 420 13.24 -8.58 13.57
N ALA A 421 14.09 -8.34 14.59
CA ALA A 421 14.25 -9.30 15.68
C ALA A 421 13.01 -9.41 16.56
N ARG A 422 12.20 -8.36 16.63
CA ARG A 422 10.96 -8.42 17.37
C ARG A 422 9.80 -9.00 16.55
N THR A 423 9.83 -8.83 15.22
CA THR A 423 8.67 -8.97 14.35
C THR A 423 8.62 -10.30 13.60
N PHE A 424 9.72 -11.03 13.51
CA PHE A 424 9.72 -12.34 12.86
C PHE A 424 10.20 -13.39 13.86
N SER A 425 9.53 -14.54 13.86
CA SER A 425 9.97 -15.61 14.74
C SER A 425 11.25 -16.24 14.22
N ASP A 426 11.85 -17.07 15.05
CA ASP A 426 13.12 -17.72 14.71
C ASP A 426 13.04 -18.47 13.40
N ASP A 427 11.91 -19.15 13.12
CA ASP A 427 11.73 -19.91 11.90
C ASP A 427 11.08 -19.09 10.79
N GLY A 428 11.10 -17.77 10.91
CA GLY A 428 10.76 -16.90 9.81
C GLY A 428 9.31 -16.50 9.69
N PHE A 429 8.49 -16.66 10.74
CA PHE A 429 7.09 -16.28 10.65
C PHE A 429 6.95 -14.80 10.93
N TYR A 430 6.28 -14.10 10.03
CA TYR A 430 5.98 -12.68 10.19
C TYR A 430 4.75 -12.52 11.06
N ARG A 431 4.87 -11.67 12.09
CA ARG A 431 3.78 -11.40 13.03
C ARG A 431 2.98 -10.23 12.50
N THR A 432 1.81 -10.52 11.93
CA THR A 432 0.96 -9.49 11.33
C THR A 432 0.41 -8.50 12.36
N GLY A 433 0.29 -8.91 13.61
CA GLY A 433 -0.34 -8.04 14.58
C GLY A 433 -1.83 -7.96 14.45
N ASP A 434 -2.43 -8.79 13.61
CA ASP A 434 -3.88 -8.89 13.44
C ASP A 434 -4.42 -10.04 14.28
N LEU A 435 -5.63 -9.89 14.77
CA LEU A 435 -6.32 -10.93 15.53
C LEU A 435 -7.40 -11.57 14.66
N VAL A 436 -7.37 -12.90 14.55
CA VAL A 436 -8.18 -13.61 13.58
C VAL A 436 -8.73 -14.90 14.17
N ARG A 437 -9.76 -15.42 13.50
CA ARG A 437 -10.27 -16.76 13.65
C ARG A 437 -10.11 -17.46 12.30
N VAL A 438 -9.74 -18.73 12.33
CA VAL A 438 -9.74 -19.57 11.13
C VAL A 438 -10.93 -20.51 11.24
N LEU A 439 -11.80 -20.48 10.25
CA LEU A 439 -12.97 -21.33 10.21
C LEU A 439 -12.65 -22.66 9.55
N PRO A 440 -13.53 -23.66 9.70
CA PRO A 440 -13.23 -25.00 9.15
C PRO A 440 -12.93 -25.03 7.66
N SER A 441 -13.56 -24.17 6.86
CA SER A 441 -13.26 -24.07 5.44
C SER A 441 -11.90 -23.44 5.15
N GLY A 442 -11.24 -22.86 6.15
CA GLY A 442 -10.00 -22.15 5.92
C GLY A 442 -10.14 -20.65 5.78
N HIS A 443 -11.35 -20.12 5.69
CA HIS A 443 -11.54 -18.68 5.61
C HIS A 443 -11.24 -18.02 6.95
N LEU A 444 -10.70 -16.81 6.89
CA LEU A 444 -10.35 -16.03 8.07
C LEU A 444 -11.43 -15.01 8.37
N VAL A 445 -11.57 -14.70 9.65
CA VAL A 445 -12.40 -13.59 10.12
C VAL A 445 -11.52 -12.70 10.97
N VAL A 446 -11.39 -11.44 10.57
CA VAL A 446 -10.58 -10.50 11.35
C VAL A 446 -11.37 -10.03 12.54
N GLU A 447 -10.76 -10.16 13.72
CA GLU A 447 -11.45 -9.88 14.97
C GLU A 447 -10.94 -8.63 15.67
N GLY A 448 -9.75 -8.17 15.35
CA GLY A 448 -9.20 -7.00 15.99
C GLY A 448 -7.71 -6.91 15.71
N ARG A 449 -7.00 -6.26 16.63
CA ARG A 449 -5.60 -6.03 16.39
C ARG A 449 -4.82 -6.10 17.68
N ALA A 450 -3.66 -6.77 17.60
CA ALA A 450 -2.66 -6.71 18.65
C ALA A 450 -1.62 -5.62 18.43
N LYS A 451 -1.45 -5.16 17.20
CA LYS A 451 -0.45 -4.14 16.92
C LYS A 451 -0.96 -2.75 17.31
N ASP A 452 -0.01 -1.92 17.74
CA ASP A 452 -0.29 -0.55 18.17
C ASP A 452 -0.27 0.37 16.94
N GLN A 453 -1.31 0.21 16.13
CA GLN A 453 -1.44 0.89 14.86
C GLN A 453 -2.91 1.15 14.61
N ILE A 454 -3.26 2.39 14.36
CA ILE A 454 -4.65 2.77 14.15
C ILE A 454 -4.98 2.60 12.68
N ASN A 455 -6.17 2.07 12.39
CA ASN A 455 -6.63 1.86 11.02
C ASN A 455 -7.76 2.85 10.76
N ARG A 456 -7.41 4.01 10.20
CA ARG A 456 -8.33 5.12 9.99
C ARG A 456 -8.83 5.03 8.55
N GLY A 457 -9.89 4.26 8.36
CA GLY A 457 -10.47 4.11 7.03
C GLY A 457 -9.55 3.46 6.02
N GLY A 458 -8.73 2.51 6.46
CA GLY A 458 -7.71 1.91 5.63
C GLY A 458 -6.35 2.55 5.76
N ASP A 459 -6.28 3.78 6.26
CA ASP A 459 -5.01 4.47 6.48
C ASP A 459 -4.40 4.04 7.82
N LYS A 460 -3.16 3.58 7.76
CA LYS A 460 -2.45 3.03 8.91
C LYS A 460 -1.66 4.12 9.63
N ILE A 461 -1.84 4.18 10.95
CA ILE A 461 -1.16 5.18 11.78
C ILE A 461 -0.37 4.43 12.84
N SER A 462 0.96 4.43 12.71
CA SER A 462 1.85 3.98 13.77
C SER A 462 1.68 4.89 14.97
N ALA A 463 1.18 4.35 16.08
CA ALA A 463 0.97 5.16 17.27
C ALA A 463 2.29 5.74 17.78
N GLU A 464 3.34 4.93 17.80
CA GLU A 464 4.61 5.40 18.33
C GLU A 464 5.20 6.52 17.47
N GLU A 465 5.08 6.44 16.15
CA GLU A 465 5.55 7.53 15.30
C GLU A 465 4.82 8.83 15.64
N LEU A 466 3.49 8.77 15.72
CA LEU A 466 2.72 9.99 15.97
C LEU A 466 2.98 10.54 17.36
N GLU A 467 3.18 9.66 18.34
CA GLU A 467 3.47 10.12 19.70
C GLU A 467 4.79 10.88 19.75
N ASN A 468 5.80 10.39 19.05
CA ASN A 468 7.07 11.09 19.02
C ASN A 468 6.92 12.47 18.37
N HIS A 469 6.02 12.60 17.41
CA HIS A 469 5.74 13.89 16.80
C HIS A 469 5.05 14.83 17.78
N ILE A 470 3.98 14.35 18.42
CA ILE A 470 3.19 15.18 19.31
C ILE A 470 4.03 15.65 20.50
N MET A 471 4.80 14.75 21.10
CA MET A 471 5.63 15.10 22.25
C MET A 471 6.68 16.14 21.93
N ALA A 472 7.04 16.30 20.65
CA ALA A 472 7.94 17.36 20.26
C ALA A 472 7.28 18.73 20.34
N HIS A 473 5.97 18.79 20.51
CA HIS A 473 5.32 20.08 20.70
C HIS A 473 5.69 20.64 22.07
N PRO A 474 5.96 21.95 22.17
CA PRO A 474 6.50 22.51 23.42
C PRO A 474 5.58 22.37 24.63
N GLY A 475 4.27 22.21 24.44
CA GLY A 475 3.35 22.04 25.53
C GLY A 475 3.05 20.61 25.92
N VAL A 476 3.66 19.63 25.25
CA VAL A 476 3.40 18.21 25.49
C VAL A 476 4.64 17.59 26.13
N HIS A 477 4.42 16.84 27.20
CA HIS A 477 5.48 16.07 27.85
C HIS A 477 5.40 14.60 27.46
N ASP A 478 4.24 13.98 27.62
CA ASP A 478 3.99 12.60 27.23
C ASP A 478 2.75 12.55 26.35
N ALA A 479 2.73 11.61 25.41
CA ALA A 479 1.59 11.43 24.51
C ALA A 479 1.32 9.94 24.32
N ALA A 480 0.05 9.56 24.45
CA ALA A 480 -0.41 8.20 24.19
C ALA A 480 -1.55 8.24 23.18
N VAL A 481 -1.31 7.67 22.00
CA VAL A 481 -2.26 7.72 20.91
C VAL A 481 -3.12 6.46 20.94
N VAL A 482 -4.44 6.63 21.00
CA VAL A 482 -5.39 5.53 21.18
C VAL A 482 -6.42 5.60 20.06
N GLY A 483 -6.86 4.43 19.60
CA GLY A 483 -7.91 4.37 18.62
C GLY A 483 -9.31 4.38 19.24
N MET A 484 -10.25 4.94 18.51
CA MET A 484 -11.63 5.00 18.92
C MET A 484 -12.50 4.37 17.84
N PRO A 485 -13.45 3.51 18.18
CA PRO A 485 -14.33 2.97 17.14
C PRO A 485 -15.08 4.08 16.42
N ASP A 486 -15.26 3.91 15.10
CA ASP A 486 -16.05 4.80 14.28
C ASP A 486 -16.88 3.96 13.31
N ALA A 487 -18.15 4.31 13.15
CA ALA A 487 -19.06 3.44 12.40
C ALA A 487 -18.71 3.39 10.92
N THR A 488 -18.15 4.46 10.37
CA THR A 488 -17.87 4.55 8.95
C THR A 488 -16.38 4.54 8.63
N MET A 489 -15.54 4.98 9.55
CA MET A 489 -14.10 4.98 9.38
C MET A 489 -13.43 3.78 10.03
N GLY A 490 -14.14 3.03 10.85
CA GLY A 490 -13.55 1.92 11.58
C GLY A 490 -12.84 2.37 12.84
N GLU A 491 -11.86 3.25 12.69
CA GLU A 491 -11.18 3.83 13.82
C GLU A 491 -10.90 5.30 13.53
N ARG A 492 -10.90 6.10 14.59
CA ARG A 492 -10.38 7.45 14.59
C ARG A 492 -9.27 7.53 15.63
N THR A 493 -8.56 8.65 15.62
CA THR A 493 -7.34 8.83 16.40
C THR A 493 -7.59 9.79 17.55
N CYS A 494 -7.30 9.35 18.76
CA CYS A 494 -7.30 10.21 19.93
C CYS A 494 -5.88 10.35 20.44
N ALA A 495 -5.46 11.59 20.67
CA ALA A 495 -4.14 11.83 21.24
C ALA A 495 -4.33 12.21 22.70
N CYS A 496 -3.91 11.32 23.60
CA CYS A 496 -3.98 11.56 25.04
C CYS A 496 -2.68 12.22 25.48
N LEU A 497 -2.77 13.40 26.09
CA LEU A 497 -1.59 14.20 26.38
C LEU A 497 -1.45 14.50 27.85
N VAL A 498 -0.22 14.38 28.33
CA VAL A 498 0.20 14.92 29.62
C VAL A 498 0.88 16.27 29.32
N PRO A 499 0.37 17.38 29.84
CA PRO A 499 0.98 18.68 29.49
C PRO A 499 2.37 18.82 30.07
N ARG A 500 3.26 19.44 29.29
CA ARG A 500 4.57 19.79 29.80
C ARG A 500 4.44 20.54 31.11
N ALA A 501 5.41 20.31 32.00
CA ALA A 501 5.35 20.86 33.35
C ALA A 501 5.06 22.36 33.32
N GLY A 502 3.96 22.75 33.95
CA GLY A 502 3.60 24.15 34.04
C GLY A 502 3.33 24.83 32.73
N ARG A 503 2.99 24.08 31.68
CA ARG A 503 2.55 24.66 30.41
C ARG A 503 1.25 24.02 29.97
N SER A 504 0.61 24.68 29.02
CA SER A 504 -0.68 24.25 28.49
C SER A 504 -0.45 23.39 27.25
N ALA A 505 -0.95 22.16 27.27
CA ALA A 505 -0.93 21.34 26.08
C ALA A 505 -1.80 21.98 25.01
N PRO A 506 -1.50 21.75 23.73
CA PRO A 506 -2.32 22.32 22.66
C PRO A 506 -3.65 21.62 22.49
N ALA A 507 -4.61 22.35 21.92
CA ALA A 507 -5.90 21.79 21.56
C ALA A 507 -5.80 21.15 20.17
N GLN A 508 -6.94 20.70 19.64
CA GLN A 508 -6.90 19.82 18.47
C GLN A 508 -6.47 20.57 17.19
N ARG A 509 -6.95 21.79 16.99
CA ARG A 509 -6.61 22.51 15.77
C ARG A 509 -5.16 23.00 15.79
N GLU A 510 -4.65 23.42 16.95
CA GLU A 510 -3.26 23.89 16.99
C GLU A 510 -2.28 22.74 16.88
N LEU A 511 -2.56 21.61 17.53
CA LEU A 511 -1.70 20.44 17.38
C LEU A 511 -1.67 19.96 15.93
N ALA A 512 -2.83 20.00 15.25
CA ALA A 512 -2.88 19.61 13.85
C ALA A 512 -2.09 20.55 12.98
N ALA A 513 -2.06 21.83 13.31
CA ALA A 513 -1.27 22.79 12.54
C ALA A 513 0.22 22.60 12.77
N PHE A 514 0.61 22.30 14.01
CA PHE A 514 2.01 22.00 14.33
C PHE A 514 2.48 20.75 13.61
N LEU A 515 1.62 19.73 13.53
CA LEU A 515 2.00 18.49 12.87
C LEU A 515 2.15 18.67 11.36
N THR A 516 1.28 19.47 10.73
CA THR A 516 1.38 19.68 9.30
C THR A 516 2.69 20.37 8.93
N ASP A 517 3.10 21.39 9.70
CA ASP A 517 4.32 22.12 9.41
C ASP A 517 5.56 21.30 9.76
N ARG A 518 5.43 20.36 10.68
CA ARG A 518 6.46 19.38 10.96
C ARG A 518 6.57 18.31 9.88
N GLY A 519 5.59 18.24 8.98
CA GLY A 519 5.66 17.36 7.84
C GLY A 519 4.99 16.03 8.03
N VAL A 520 3.89 16.00 8.76
CA VAL A 520 3.14 14.78 9.06
C VAL A 520 1.99 14.67 8.08
N ALA A 521 1.81 13.49 7.49
CA ALA A 521 0.70 13.27 6.56
C ALA A 521 -0.63 13.56 7.25
N ALA A 522 -1.58 14.09 6.48
CA ALA A 522 -2.82 14.58 7.05
C ALA A 522 -3.67 13.46 7.65
N TYR A 523 -3.53 12.23 7.15
CA TYR A 523 -4.35 11.16 7.72
C TYR A 523 -3.91 10.76 9.10
N LYS A 524 -2.74 11.22 9.55
CA LYS A 524 -2.23 10.91 10.88
C LYS A 524 -2.57 11.98 11.91
N LEU A 525 -3.21 13.07 11.50
CA LEU A 525 -3.59 14.12 12.46
C LEU A 525 -4.69 13.63 13.38
N PRO A 526 -4.54 13.81 14.70
CA PRO A 526 -5.53 13.25 15.64
C PRO A 526 -6.91 13.86 15.46
N ASP A 527 -7.92 12.99 15.55
CA ASP A 527 -9.30 13.47 15.49
C ASP A 527 -9.72 14.14 16.79
N ARG A 528 -9.10 13.78 17.89
CA ARG A 528 -9.52 14.22 19.20
C ARG A 528 -8.29 14.36 20.07
N VAL A 529 -8.33 15.33 20.99
CA VAL A 529 -7.27 15.51 21.96
C VAL A 529 -7.87 15.38 23.36
N GLU A 530 -7.22 14.59 24.21
CA GLU A 530 -7.57 14.47 25.61
C GLU A 530 -6.34 14.76 26.45
N VAL A 531 -6.51 15.61 27.46
CA VAL A 531 -5.44 16.04 28.34
C VAL A 531 -5.68 15.43 29.72
N MET A 532 -4.62 14.86 30.30
CA MET A 532 -4.69 14.19 31.59
C MET A 532 -3.36 14.33 32.31
N ASP A 533 -3.36 13.97 33.59
CA ASP A 533 -2.19 14.15 34.45
C ASP A 533 -1.15 13.05 34.24
N ALA A 534 -1.60 11.82 34.01
CA ALA A 534 -0.71 10.70 33.78
C ALA A 534 -1.46 9.64 33.00
N PHE A 535 -0.71 8.70 32.43
CA PHE A 535 -1.31 7.61 31.64
C PHE A 535 -1.44 6.37 32.48
N PRO A 536 -2.59 5.70 32.44
CA PRO A 536 -2.73 4.40 33.09
C PRO A 536 -1.58 3.48 32.73
N ARG A 537 -1.09 2.76 33.74
CA ARG A 537 0.04 1.87 33.57
C ARG A 537 -0.32 0.50 34.11
N THR A 538 0.18 -0.54 33.45
CA THR A 538 0.06 -1.90 33.95
C THR A 538 1.27 -2.21 34.82
N SER A 539 1.40 -3.46 35.25
CA SER A 539 2.69 -3.94 35.72
C SER A 539 3.67 -3.93 34.54
N VAL A 540 4.96 -3.95 34.87
CA VAL A 540 6.06 -3.81 33.89
C VAL A 540 6.13 -2.35 33.45
N GLY A 541 5.13 -1.55 33.79
CA GLY A 541 5.22 -0.13 33.59
C GLY A 541 5.04 0.36 32.16
N LYS A 542 4.22 -0.31 31.36
CA LYS A 542 3.88 0.17 30.03
C LYS A 542 2.52 0.85 30.05
N THR A 543 2.36 1.83 29.15
CA THR A 543 1.12 2.60 29.07
C THR A 543 -0.01 1.69 28.63
N ASP A 544 -1.05 1.59 29.46
CA ASP A 544 -2.19 0.73 29.18
C ASP A 544 -3.15 1.46 28.26
N LYS A 545 -3.10 1.15 26.96
CA LYS A 545 -4.01 1.77 26.00
C LYS A 545 -5.34 1.05 25.91
N LYS A 546 -5.41 -0.18 26.40
CA LYS A 546 -6.72 -0.81 26.58
C LYS A 546 -7.54 -0.03 27.59
N GLU A 547 -6.91 0.43 28.68
CA GLU A 547 -7.65 1.17 29.70
C GLU A 547 -7.87 2.62 29.27
N LEU A 548 -6.91 3.23 28.56
CA LEU A 548 -7.18 4.54 27.97
C LEU A 548 -8.40 4.51 27.06
N GLY A 549 -8.54 3.45 26.25
CA GLY A 549 -9.73 3.22 25.46
C GLY A 549 -11.00 3.24 26.28
N ARG A 550 -10.89 3.08 27.61
CA ARG A 550 -12.01 3.16 28.54
C ARG A 550 -12.09 4.48 29.28
N ARG A 551 -10.95 4.99 29.76
CA ARG A 551 -10.94 6.30 30.42
C ARG A 551 -11.36 7.41 29.46
N ILE A 552 -11.16 7.20 28.16
CA ILE A 552 -11.57 8.15 27.13
C ILE A 552 -12.87 7.64 26.51
N ALA A 553 -13.83 7.30 27.36
CA ALA A 553 -15.15 6.87 26.93
C ALA A 553 -16.15 7.05 28.07
#